data_2BKM
#
_entry.id   2BKM
#
_cell.length_a   35.123
_cell.length_b   99.339
_cell.length_c   35.252
_cell.angle_alpha   90.00
_cell.angle_beta   105.59
_cell.angle_gamma   90.00
#
_symmetry.space_group_name_H-M   'P 1 21 1'
#
loop_
_entity.id
_entity.type
_entity.pdbx_description
1 polymer 'TRUNCATED HEMOGLOBIN FROM GEOBACILLUS STEAROTHERMOPHILUS'
2 non-polymer 'OXYGEN MOLECULE'
3 non-polymer 'PROTOPORPHYRIN IX CONTAINING FE'
4 non-polymer 'ACETATE ION'
5 water water
#
_entity_poly.entity_id   1
_entity_poly.type   'polypeptide(L)'
_entity_poly.pdbx_seq_one_letter_code
;EQWQTLYEAIGGEETVAKLVEAFYRRVAAHPDLRPIFPDDLTETAHKQKQFLTQYLGGPPLYTAEHGHPMLRARHLRFEI
TPKRAEAWLACMRAAMDEIGLSGPAREQFYHRLVLTAHHMVNTPDHLD
;
_entity_poly.pdbx_strand_id   A,B
#
loop_
_chem_comp.id
_chem_comp.type
_chem_comp.name
_chem_comp.formula
ACT non-polymer 'ACETATE ION' 'C2 H3 O2 -1'
HEM non-polymer 'PROTOPORPHYRIN IX CONTAINING FE' 'C34 H32 Fe N4 O4'
OXY non-polymer 'OXYGEN MOLECULE' O2
#
# COMPACT_ATOMS: atom_id res chain seq x y z
N GLU A 1 1.27 22.40 -4.06
CA GLU A 1 -0.17 22.20 -3.75
C GLU A 1 -0.57 22.80 -2.41
N GLN A 2 -1.85 23.14 -2.26
CA GLN A 2 -2.32 23.70 -0.99
C GLN A 2 -2.25 22.63 0.09
N TRP A 3 -1.74 23.01 1.26
CA TRP A 3 -1.75 22.15 2.44
C TRP A 3 -3.18 21.96 3.00
N GLN A 4 -3.54 20.71 3.30
CA GLN A 4 -4.73 20.39 4.10
C GLN A 4 -4.44 19.03 4.71
N THR A 5 -5.04 18.74 5.86
CA THR A 5 -4.80 17.43 6.43
C THR A 5 -5.49 16.42 5.57
N LEU A 6 -5.00 15.19 5.68
CA LEU A 6 -5.59 14.13 4.93
C LEU A 6 -7.03 13.89 5.39
N TYR A 7 -7.26 14.11 6.68
CA TYR A 7 -8.58 14.06 7.24
C TYR A 7 -9.54 14.95 6.46
N GLU A 8 -9.18 16.24 6.30
CA GLU A 8 -10.01 17.14 5.51
C GLU A 8 -10.09 16.69 4.05
N ALA A 9 -8.95 16.29 3.50
CA ALA A 9 -8.86 15.93 2.10
C ALA A 9 -9.86 14.86 1.74
N ILE A 10 -10.11 13.91 2.64
CA ILE A 10 -11.00 12.84 2.30
C ILE A 10 -12.44 13.11 2.68
N GLY A 11 -12.67 14.24 3.32
CA GLY A 11 -14.03 14.62 3.72
C GLY A 11 -14.35 14.52 5.20
N GLY A 12 -13.31 14.37 6.02
CA GLY A 12 -13.43 14.49 7.45
C GLY A 12 -14.35 13.49 8.12
N GLU A 13 -15.05 13.97 9.14
CA GLU A 13 -15.85 13.15 10.02
C GLU A 13 -16.80 12.22 9.26
N GLU A 14 -17.49 12.78 8.29
CA GLU A 14 -18.56 12.06 7.64
C GLU A 14 -17.97 10.90 6.86
N THR A 15 -16.84 11.12 6.23
CA THR A 15 -16.21 10.03 5.50
C THR A 15 -15.71 8.96 6.47
N VAL A 16 -15.07 9.39 7.54
CA VAL A 16 -14.56 8.40 8.48
C VAL A 16 -15.68 7.56 9.04
N ALA A 17 -16.79 8.20 9.39
CA ALA A 17 -17.92 7.45 9.93
C ALA A 17 -18.44 6.41 8.95
N LYS A 18 -18.65 6.82 7.71
CA LYS A 18 -19.17 5.93 6.73
C LYS A 18 -18.20 4.78 6.50
N LEU A 19 -16.93 5.15 6.42
CA LEU A 19 -15.88 4.17 6.13
C LEU A 19 -15.83 3.10 7.20
N VAL A 20 -15.83 3.52 8.47
CA VAL A 20 -15.75 2.58 9.57
C VAL A 20 -16.94 1.65 9.59
N GLU A 21 -18.13 2.21 9.39
CA GLU A 21 -19.34 1.39 9.34
C GLU A 21 -19.19 0.32 8.25
N ALA A 22 -18.76 0.73 7.05
CA ALA A 22 -18.64 -0.22 5.98
C ALA A 22 -17.55 -1.26 6.25
N PHE A 23 -16.45 -0.78 6.79
CA PHE A 23 -15.32 -1.63 7.08
C PHE A 23 -15.68 -2.79 8.04
N TYR A 24 -16.37 -2.43 9.13
CA TYR A 24 -16.65 -3.49 10.11
C TYR A 24 -17.70 -4.46 9.63
N ARG A 25 -18.57 -4.03 8.73
CA ARG A 25 -19.44 -5.03 8.11
C ARG A 25 -18.62 -6.06 7.31
N ARG A 26 -17.56 -5.60 6.64
CA ARG A 26 -16.72 -6.51 5.88
C ARG A 26 -15.89 -7.38 6.79
N VAL A 27 -15.36 -6.80 7.88
CA VAL A 27 -14.57 -7.56 8.81
C VAL A 27 -15.40 -8.66 9.40
N ALA A 28 -16.64 -8.35 9.75
CA ALA A 28 -17.48 -9.36 10.40
C ALA A 28 -17.67 -10.56 9.48
N ALA A 29 -17.63 -10.32 8.18
CA ALA A 29 -17.90 -11.35 7.17
C ALA A 29 -16.62 -12.05 6.70
N HIS A 30 -15.47 -11.57 7.15
CA HIS A 30 -14.27 -12.14 6.61
C HIS A 30 -13.77 -13.32 7.42
N PRO A 31 -13.63 -14.50 6.77
CA PRO A 31 -13.18 -15.68 7.53
C PRO A 31 -11.77 -15.59 8.16
N ASP A 32 -10.90 -14.76 7.61
CA ASP A 32 -9.58 -14.62 8.19
C ASP A 32 -9.56 -13.64 9.34
N LEU A 33 -10.64 -12.85 9.49
CA LEU A 33 -10.69 -11.84 10.54
C LEU A 33 -11.72 -12.11 11.60
N ARG A 34 -12.90 -12.53 11.17
CA ARG A 34 -14.08 -12.73 12.04
C ARG A 34 -13.72 -13.43 13.35
N PRO A 35 -12.87 -14.47 13.31
CA PRO A 35 -12.76 -15.17 14.60
C PRO A 35 -11.89 -14.43 15.61
N ILE A 36 -11.01 -13.51 15.17
CA ILE A 36 -10.13 -12.82 16.12
C ILE A 36 -10.65 -11.47 16.60
N PHE A 37 -11.73 -11.02 15.97
CA PHE A 37 -12.38 -9.81 16.40
C PHE A 37 -13.52 -10.18 17.34
N PRO A 38 -13.96 -9.23 18.21
CA PRO A 38 -15.10 -9.47 19.08
C PRO A 38 -16.34 -9.71 18.25
N ASP A 39 -17.30 -10.47 18.78
CA ASP A 39 -18.52 -10.73 18.04
C ASP A 39 -19.34 -9.45 17.88
N ASP A 40 -19.29 -8.62 18.91
CA ASP A 40 -19.89 -7.32 18.88
C ASP A 40 -18.79 -6.30 18.58
N LEU A 41 -18.89 -5.69 17.40
CA LEU A 41 -17.88 -4.75 16.96
C LEU A 41 -18.17 -3.32 17.30
N THR A 42 -19.17 -3.10 18.16
CA THR A 42 -19.53 -1.74 18.52
C THR A 42 -18.35 -0.97 19.08
N GLU A 43 -17.69 -1.53 20.08
CA GLU A 43 -16.62 -0.83 20.71
C GLU A 43 -15.43 -0.65 19.77
N THR A 44 -15.18 -1.70 18.98
CA THR A 44 -14.05 -1.64 18.06
C THR A 44 -14.25 -0.50 17.07
N ALA A 45 -15.46 -0.41 16.53
CA ALA A 45 -15.75 0.60 15.54
C ALA A 45 -15.63 1.98 16.16
N HIS A 46 -16.08 2.13 17.40
CA HIS A 46 -15.95 3.41 18.07
C HIS A 46 -14.49 3.81 18.15
N LYS A 47 -13.66 2.86 18.57
CA LYS A 47 -12.25 3.16 18.75
C LYS A 47 -11.59 3.47 17.42
N GLN A 48 -11.97 2.72 16.38
CA GLN A 48 -11.37 2.96 15.08
C GLN A 48 -11.78 4.29 14.49
N LYS A 49 -13.03 4.68 14.70
CA LYS A 49 -13.42 6.00 14.26
C LYS A 49 -12.55 7.07 14.92
N GLN A 50 -12.35 6.92 16.25
CA GLN A 50 -11.49 7.85 16.97
C GLN A 50 -10.06 7.81 16.47
N PHE A 51 -9.54 6.59 16.26
CA PHE A 51 -8.18 6.45 15.84
C PHE A 51 -7.94 7.03 14.45
N LEU A 52 -8.81 6.69 13.51
CA LEU A 52 -8.56 7.12 12.15
C LEU A 52 -8.69 8.64 12.05
N THR A 53 -9.57 9.22 12.87
CA THR A 53 -9.68 10.67 12.92
C THR A 53 -8.34 11.29 13.27
N GLN A 54 -7.75 10.78 14.35
CA GLN A 54 -6.47 11.28 14.80
C GLN A 54 -5.35 10.96 13.82
N TYR A 55 -5.37 9.74 13.31
CA TYR A 55 -4.36 9.28 12.38
C TYR A 55 -4.31 10.13 11.14
N LEU A 56 -5.47 10.65 10.74
CA LEU A 56 -5.54 11.45 9.52
C LEU A 56 -5.23 12.91 9.74
N GLY A 57 -5.00 13.29 11.00
CA GLY A 57 -4.67 14.69 11.30
C GLY A 57 -5.87 15.45 11.85
N GLY A 58 -6.96 14.74 12.11
CA GLY A 58 -8.11 15.37 12.76
C GLY A 58 -7.84 15.45 14.26
N PRO A 59 -8.88 15.83 15.03
CA PRO A 59 -8.68 15.94 16.48
C PRO A 59 -8.17 14.63 17.13
N PRO A 60 -7.38 14.73 18.21
CA PRO A 60 -6.76 13.53 18.81
C PRO A 60 -7.75 12.77 19.68
N LEU A 61 -8.79 12.26 19.04
CA LEU A 61 -9.90 11.66 19.75
C LEU A 61 -9.56 10.36 20.44
N TYR A 62 -8.68 9.59 19.81
CA TYR A 62 -8.35 8.31 20.35
C TYR A 62 -7.52 8.45 21.62
N THR A 63 -6.48 9.27 21.56
CA THR A 63 -5.61 9.44 22.72
C THR A 63 -6.43 9.94 23.90
N ALA A 64 -7.35 10.86 23.63
CA ALA A 64 -8.16 11.49 24.69
C ALA A 64 -8.89 10.43 25.48
N GLU A 65 -9.39 9.40 24.81
CA GLU A 65 -10.13 8.39 25.52
C GLU A 65 -9.34 7.17 25.91
N HIS A 66 -8.34 6.79 25.13
CA HIS A 66 -7.68 5.49 25.35
C HIS A 66 -6.19 5.60 25.60
N GLY A 67 -5.62 6.79 25.50
CA GLY A 67 -4.18 6.91 25.63
C GLY A 67 -3.48 6.72 24.32
N HIS A 68 -2.15 6.74 24.34
CA HIS A 68 -1.39 6.62 23.09
C HIS A 68 -1.80 5.36 22.33
N PRO A 69 -1.91 5.47 21.00
CA PRO A 69 -2.29 4.29 20.21
C PRO A 69 -1.40 3.06 20.43
N MET A 70 -0.09 3.25 20.50
CA MET A 70 0.87 2.14 20.62
C MET A 70 0.31 0.92 19.88
N LEU A 71 -0.02 1.13 18.61
CA LEU A 71 -0.84 0.18 17.92
C LEU A 71 -0.13 -1.14 17.78
N ARG A 72 1.16 -1.12 17.45
CA ARG A 72 1.82 -2.40 17.27
C ARG A 72 1.74 -3.20 18.56
N ALA A 73 1.99 -2.55 19.69
CA ALA A 73 1.93 -3.24 20.97
C ALA A 73 0.56 -3.79 21.25
N ARG A 74 -0.48 -3.04 20.96
CA ARG A 74 -1.82 -3.50 21.20
C ARG A 74 -2.14 -4.70 20.34
N HIS A 75 -1.51 -4.78 19.18
CA HIS A 75 -1.80 -5.86 18.25
C HIS A 75 -0.98 -7.10 18.51
N LEU A 76 0.00 -7.00 19.42
CA LEU A 76 0.73 -8.21 19.81
C LEU A 76 -0.14 -9.24 20.49
N ARG A 77 -1.32 -8.80 20.95
CA ARG A 77 -2.30 -9.65 21.56
C ARG A 77 -2.94 -10.64 20.56
N PHE A 78 -2.67 -10.45 19.27
CA PHE A 78 -3.31 -11.25 18.23
C PHE A 78 -2.25 -11.75 17.27
N GLU A 79 -2.55 -12.85 16.62
CA GLU A 79 -1.68 -13.34 15.57
C GLU A 79 -2.02 -12.62 14.26
N ILE A 80 -1.15 -11.72 13.86
CA ILE A 80 -1.34 -10.95 12.63
C ILE A 80 -0.30 -11.44 11.64
N THR A 81 -0.74 -12.34 10.80
CA THR A 81 0.08 -12.83 9.71
C THR A 81 -0.06 -11.89 8.50
N PRO A 82 0.85 -11.98 7.54
CA PRO A 82 0.65 -11.23 6.30
C PRO A 82 -0.74 -11.52 5.69
N LYS A 83 -1.20 -12.77 5.72
CA LYS A 83 -2.51 -13.07 5.16
C LYS A 83 -3.57 -12.26 5.86
N ARG A 84 -3.48 -12.14 7.20
CA ARG A 84 -4.49 -11.40 7.90
C ARG A 84 -4.38 -9.92 7.59
N ALA A 85 -3.16 -9.42 7.47
CA ALA A 85 -3.00 -8.02 7.06
C ALA A 85 -3.61 -7.80 5.69
N GLU A 86 -3.40 -8.76 4.78
CA GLU A 86 -4.03 -8.60 3.47
C GLU A 86 -5.54 -8.64 3.59
N ALA A 87 -6.07 -9.49 4.47
CA ALA A 87 -7.51 -9.51 4.62
C ALA A 87 -8.04 -8.18 5.14
N TRP A 88 -7.35 -7.61 6.13
CA TRP A 88 -7.77 -6.34 6.69
C TRP A 88 -7.76 -5.30 5.58
N LEU A 89 -6.64 -5.25 4.84
CA LEU A 89 -6.53 -4.23 3.77
C LEU A 89 -7.57 -4.47 2.69
N ALA A 90 -7.88 -5.74 2.39
CA ALA A 90 -8.88 -6.00 1.36
C ALA A 90 -10.25 -5.55 1.83
N CYS A 91 -10.54 -5.74 3.11
CA CYS A 91 -11.80 -5.19 3.66
C CYS A 91 -11.82 -3.71 3.57
N MET A 92 -10.67 -3.07 3.83
CA MET A 92 -10.60 -1.63 3.78
C MET A 92 -10.80 -1.11 2.36
N ARG A 93 -10.17 -1.73 1.38
CA ARG A 93 -10.37 -1.29 0.02
C ARG A 93 -11.84 -1.48 -0.34
N ALA A 94 -12.44 -2.61 0.04
CA ALA A 94 -13.84 -2.86 -0.31
C ALA A 94 -14.74 -1.82 0.35
N ALA A 95 -14.42 -1.43 1.59
CA ALA A 95 -15.23 -0.44 2.30
C ALA A 95 -15.07 0.92 1.64
N MET A 96 -13.84 1.29 1.26
CA MET A 96 -13.62 2.55 0.57
C MET A 96 -14.40 2.56 -0.72
N ASP A 97 -14.35 1.46 -1.46
CA ASP A 97 -15.11 1.40 -2.72
C ASP A 97 -16.60 1.55 -2.42
N GLU A 98 -17.07 0.88 -1.37
CA GLU A 98 -18.52 0.80 -1.10
C GLU A 98 -19.04 2.19 -0.78
N ILE A 99 -18.27 3.00 -0.06
CA ILE A 99 -18.77 4.31 0.36
C ILE A 99 -18.51 5.33 -0.74
N GLY A 100 -17.97 4.85 -1.84
CA GLY A 100 -17.64 5.70 -2.99
C GLY A 100 -16.50 6.66 -2.75
N LEU A 101 -15.53 6.28 -1.91
CA LEU A 101 -14.35 7.12 -1.67
C LEU A 101 -13.25 6.73 -2.63
N SER A 102 -12.94 7.62 -3.56
CA SER A 102 -11.99 7.28 -4.64
C SER A 102 -11.10 8.48 -4.83
N GLY A 103 -9.91 8.27 -5.39
CA GLY A 103 -9.07 9.39 -5.76
C GLY A 103 -7.78 9.47 -4.96
N PRO A 104 -7.01 10.51 -5.20
CA PRO A 104 -5.65 10.50 -4.66
C PRO A 104 -5.60 10.62 -3.15
N ALA A 105 -6.51 11.35 -2.53
CA ALA A 105 -6.56 11.41 -1.08
C ALA A 105 -6.93 10.03 -0.55
N ARG A 106 -7.88 9.34 -1.15
CA ARG A 106 -8.12 7.96 -0.75
C ARG A 106 -6.85 7.15 -0.84
N GLU A 107 -6.11 7.26 -1.94
CA GLU A 107 -4.97 6.36 -2.07
C GLU A 107 -3.87 6.70 -1.12
N GLN A 108 -3.70 7.99 -0.84
CA GLN A 108 -2.68 8.41 0.12
C GLN A 108 -3.03 7.82 1.50
N PHE A 109 -4.29 7.93 1.87
CA PHE A 109 -4.76 7.35 3.12
C PHE A 109 -4.56 5.83 3.12
N TYR A 110 -4.98 5.17 2.04
CA TYR A 110 -4.83 3.73 1.93
C TYR A 110 -3.38 3.36 2.07
N HIS A 111 -2.46 4.12 1.45
CA HIS A 111 -1.05 3.78 1.55
C HIS A 111 -0.55 3.92 2.96
N ARG A 112 -1.06 4.89 3.70
CA ARG A 112 -0.65 4.97 5.11
C ARG A 112 -1.11 3.71 5.80
N LEU A 113 -2.33 3.27 5.49
CA LEU A 113 -2.83 2.06 6.15
C LEU A 113 -2.04 0.83 5.74
N VAL A 114 -1.57 0.75 4.49
CA VAL A 114 -0.73 -0.38 4.07
C VAL A 114 0.50 -0.39 4.93
N LEU A 115 1.11 0.76 5.17
CA LEU A 115 2.31 0.79 6.01
C LEU A 115 1.98 0.40 7.46
N THR A 116 0.90 0.94 8.00
CA THR A 116 0.54 0.62 9.40
C THR A 116 0.25 -0.87 9.49
N ALA A 117 -0.49 -1.41 8.53
CA ALA A 117 -0.85 -2.83 8.57
C ALA A 117 0.44 -3.65 8.53
N HIS A 118 1.39 -3.24 7.71
CA HIS A 118 2.65 -3.98 7.61
C HIS A 118 3.31 -3.93 8.98
N HIS A 119 3.29 -2.77 9.64
CA HIS A 119 3.89 -2.66 10.97
C HIS A 119 3.18 -3.55 11.98
N MET A 120 1.90 -3.85 11.76
CA MET A 120 1.15 -4.65 12.74
C MET A 120 1.52 -6.13 12.59
N VAL A 121 1.92 -6.55 11.40
CA VAL A 121 2.19 -7.97 11.16
C VAL A 121 3.22 -8.46 12.18
N ASN A 122 2.95 -9.63 12.76
CA ASN A 122 3.79 -10.05 13.88
C ASN A 122 4.01 -11.53 13.90
N THR A 123 3.62 -12.22 12.85
CA THR A 123 3.78 -13.66 12.84
C THR A 123 3.94 -14.08 11.39
N PRO A 124 4.82 -15.04 11.11
CA PRO A 124 4.94 -15.56 9.75
C PRO A 124 3.65 -16.21 9.28
N ASP A 125 3.42 -16.19 7.97
CA ASP A 125 2.25 -16.88 7.42
C ASP A 125 2.26 -18.36 7.67
N HIS A 126 1.06 -18.93 7.69
CA HIS A 126 0.86 -20.39 7.73
C HIS A 126 0.88 -20.97 6.34
N LEU A 127 1.91 -21.76 6.07
CA LEU A 127 2.04 -22.42 4.79
C LEU A 127 1.96 -23.94 5.03
N ASP A 128 1.51 -24.67 4.00
CA ASP A 128 1.13 -26.09 4.09
C ASP A 128 0.96 -26.65 5.51
N GLU B 1 -1.24 -20.25 2.03
CA GLU B 1 -1.61 -21.68 2.19
C GLU B 1 -0.51 -22.59 1.61
N GLN B 2 -0.61 -23.01 0.35
CA GLN B 2 0.54 -23.64 -0.31
C GLN B 2 1.63 -22.60 -0.60
N TRP B 3 2.89 -22.90 -0.25
CA TRP B 3 3.99 -21.98 -0.57
C TRP B 3 4.26 -21.89 -2.08
N GLN B 4 4.30 -20.65 -2.57
CA GLN B 4 4.77 -20.36 -3.92
C GLN B 4 5.33 -18.94 -3.90
N THR B 5 6.29 -18.66 -4.78
CA THR B 5 6.80 -17.32 -4.80
C THR B 5 5.74 -16.38 -5.36
N LEU B 6 5.86 -15.12 -4.98
CA LEU B 6 4.96 -14.14 -5.50
C LEU B 6 5.16 -14.00 -7.01
N TYR B 7 6.39 -14.17 -7.47
CA TYR B 7 6.68 -14.19 -8.87
C TYR B 7 5.82 -15.19 -9.62
N GLU B 8 5.84 -16.42 -9.16
CA GLU B 8 5.04 -17.45 -9.78
C GLU B 8 3.55 -17.11 -9.63
N ALA B 9 3.18 -16.62 -8.45
CA ALA B 9 1.76 -16.37 -8.20
C ALA B 9 1.17 -15.37 -9.19
N ILE B 10 1.92 -14.37 -9.59
CA ILE B 10 1.35 -13.36 -10.49
C ILE B 10 1.49 -13.73 -11.97
N GLY B 11 2.11 -14.87 -12.23
CA GLY B 11 2.33 -15.31 -13.61
C GLY B 11 3.73 -15.13 -14.17
N GLY B 12 4.68 -14.85 -13.29
CA GLY B 12 6.11 -14.84 -13.65
C GLY B 12 6.54 -13.90 -14.75
N GLU B 13 7.49 -14.34 -15.59
CA GLU B 13 8.15 -13.45 -16.55
C GLU B 13 7.16 -12.68 -17.42
N GLU B 14 6.15 -13.37 -17.95
CA GLU B 14 5.23 -12.78 -18.90
C GLU B 14 4.57 -11.59 -18.22
N THR B 15 4.17 -11.80 -16.97
CA THR B 15 3.46 -10.74 -16.24
C THR B 15 4.42 -9.59 -15.97
N VAL B 16 5.62 -9.90 -15.51
CA VAL B 16 6.57 -8.87 -15.19
C VAL B 16 6.91 -8.04 -16.44
N ALA B 17 7.13 -8.72 -17.57
CA ALA B 17 7.44 -7.98 -18.80
C ALA B 17 6.30 -7.07 -19.25
N LYS B 18 5.07 -7.61 -19.27
CA LYS B 18 3.90 -6.81 -19.66
C LYS B 18 3.73 -5.63 -18.71
N LEU B 19 3.93 -5.90 -17.41
CA LEU B 19 3.74 -4.88 -16.39
C LEU B 19 4.73 -3.73 -16.58
N VAL B 20 6.00 -4.09 -16.75
CA VAL B 20 7.03 -3.06 -16.94
C VAL B 20 6.76 -2.23 -18.17
N GLU B 21 6.41 -2.89 -19.26
CA GLU B 21 6.14 -2.17 -20.49
C GLU B 21 5.00 -1.15 -20.28
N ALA B 22 3.93 -1.59 -19.60
CA ALA B 22 2.81 -0.69 -19.38
C ALA B 22 3.15 0.42 -18.39
N PHE B 23 3.94 0.04 -17.39
CA PHE B 23 4.33 0.99 -16.37
C PHE B 23 5.15 2.15 -16.96
N TYR B 24 6.15 1.82 -17.79
CA TYR B 24 6.97 2.93 -18.32
C TYR B 24 6.26 3.74 -19.35
N ARG B 25 5.25 3.16 -20.00
CA ARG B 25 4.42 4.01 -20.86
C ARG B 25 3.72 5.08 -20.02
N ARG B 26 3.23 4.69 -18.83
CA ARG B 26 2.55 5.63 -17.94
C ARG B 26 3.55 6.63 -17.35
N VAL B 27 4.72 6.15 -16.92
CA VAL B 27 5.70 7.01 -16.31
C VAL B 27 6.07 8.12 -17.28
N ALA B 28 6.24 7.74 -18.54
CA ALA B 28 6.70 8.70 -19.54
C ALA B 28 5.71 9.80 -19.79
N ALA B 29 4.44 9.52 -19.52
CA ALA B 29 3.33 10.48 -19.69
C ALA B 29 3.01 11.24 -18.39
N HIS B 30 3.64 10.87 -17.28
CA HIS B 30 3.25 11.45 -16.02
C HIS B 30 4.02 12.71 -15.71
N PRO B 31 3.33 13.84 -15.56
CA PRO B 31 4.04 15.09 -15.36
C PRO B 31 4.85 15.15 -14.06
N ASP B 32 4.53 14.34 -13.05
CA ASP B 32 5.30 14.36 -11.82
C ASP B 32 6.52 13.48 -11.93
N LEU B 33 6.56 12.64 -12.95
CA LEU B 33 7.63 11.66 -13.09
C LEU B 33 8.53 11.90 -14.29
N ARG B 34 7.90 12.23 -15.43
CA ARG B 34 8.65 12.43 -16.66
C ARG B 34 9.91 13.29 -16.49
N PRO B 35 9.84 14.40 -15.71
CA PRO B 35 11.03 15.25 -15.51
C PRO B 35 12.27 14.51 -15.04
N ILE B 36 12.12 13.57 -14.09
CA ILE B 36 13.30 12.99 -13.43
C ILE B 36 13.76 11.66 -14.06
N PHE B 37 12.94 11.11 -14.94
CA PHE B 37 13.33 9.90 -15.64
C PHE B 37 14.12 10.21 -16.90
N PRO B 38 14.97 9.27 -17.34
CA PRO B 38 15.70 9.49 -18.58
C PRO B 38 14.74 9.61 -19.75
N ASP B 39 15.17 10.39 -20.76
CA ASP B 39 14.44 10.57 -22.00
C ASP B 39 14.10 9.21 -22.61
N ASP B 40 15.08 8.33 -22.61
CA ASP B 40 14.91 7.01 -23.14
C ASP B 40 14.83 6.03 -22.00
N LEU B 41 13.70 5.33 -21.91
CA LEU B 41 13.45 4.42 -20.80
C LEU B 41 13.88 2.98 -21.04
N THR B 42 14.65 2.75 -22.11
CA THR B 42 15.05 1.40 -22.43
C THR B 42 15.82 0.71 -21.31
N GLU B 43 16.90 1.34 -20.89
CA GLU B 43 17.75 0.76 -19.88
C GLU B 43 17.00 0.64 -18.53
N THR B 44 16.24 1.70 -18.21
CA THR B 44 15.41 1.70 -16.99
C THR B 44 14.50 0.48 -16.93
N ALA B 45 13.81 0.20 -18.03
CA ALA B 45 12.84 -0.86 -18.07
C ALA B 45 13.51 -2.21 -17.97
N HIS B 46 14.69 -2.33 -18.60
CA HIS B 46 15.45 -3.55 -18.51
C HIS B 46 15.82 -3.85 -17.05
N LYS B 47 16.32 -2.82 -16.35
CA LYS B 47 16.74 -3.01 -14.95
C LYS B 47 15.54 -3.31 -14.06
N GLN B 48 14.42 -2.67 -14.38
CA GLN B 48 13.22 -2.89 -13.56
C GLN B 48 12.66 -4.29 -13.72
N LYS B 49 12.67 -4.82 -14.95
CA LYS B 49 12.23 -6.19 -15.13
C LYS B 49 13.14 -7.12 -14.31
N GLN B 50 14.44 -6.83 -14.34
CA GLN B 50 15.35 -7.67 -13.55
C GLN B 50 15.04 -7.55 -12.07
N PHE B 51 14.89 -6.30 -11.61
CA PHE B 51 14.69 -6.05 -10.21
C PHE B 51 13.38 -6.66 -9.73
N LEU B 52 12.31 -6.42 -10.48
CA LEU B 52 11.02 -6.92 -10.04
C LEU B 52 11.00 -8.43 -9.98
N THR B 53 11.64 -9.05 -10.98
CA THR B 53 11.73 -10.49 -10.98
C THR B 53 12.34 -11.04 -9.69
N GLN B 54 13.46 -10.43 -9.29
CA GLN B 54 14.16 -10.86 -8.09
C GLN B 54 13.36 -10.46 -6.83
N TYR B 55 12.79 -9.26 -6.87
CA TYR B 55 12.00 -8.78 -5.73
C TYR B 55 10.82 -9.65 -5.43
N LEU B 56 10.26 -10.24 -6.48
CA LEU B 56 9.12 -11.12 -6.35
C LEU B 56 9.50 -12.54 -5.94
N GLY B 57 10.79 -12.82 -5.79
CA GLY B 57 11.21 -14.18 -5.41
C GLY B 57 11.54 -15.05 -6.62
N GLY B 58 11.57 -14.46 -7.81
CA GLY B 58 12.02 -15.15 -8.99
C GLY B 58 13.55 -15.20 -9.00
N PRO B 59 14.11 -15.59 -10.14
CA PRO B 59 15.54 -15.67 -10.24
C PRO B 59 16.17 -14.32 -9.89
N PRO B 60 17.36 -14.35 -9.28
CA PRO B 60 18.01 -13.13 -8.84
C PRO B 60 18.65 -12.36 -10.01
N LEU B 61 17.83 -11.97 -10.99
CA LEU B 61 18.35 -11.40 -12.22
C LEU B 61 19.05 -10.08 -12.04
N TYR B 62 18.60 -9.29 -11.06
CA TYR B 62 19.16 -7.97 -10.90
C TYR B 62 20.56 -8.10 -10.27
N THR B 63 20.66 -8.89 -9.21
CA THR B 63 21.95 -9.13 -8.56
C THR B 63 22.90 -9.77 -9.57
N ALA B 64 22.38 -10.59 -10.44
CA ALA B 64 23.26 -11.26 -11.42
C ALA B 64 23.96 -10.27 -12.32
N GLU B 65 23.32 -9.14 -12.65
CA GLU B 65 23.96 -8.17 -13.53
C GLU B 65 24.58 -7.03 -12.76
N HIS B 66 23.98 -6.66 -11.63
CA HIS B 66 24.32 -5.40 -10.98
C HIS B 66 24.82 -5.53 -9.53
N GLY B 67 24.81 -6.73 -8.97
CA GLY B 67 24.96 -6.88 -7.52
C GLY B 67 23.79 -6.28 -6.75
N HIS B 68 24.02 -5.98 -5.48
CA HIS B 68 23.01 -5.37 -4.58
C HIS B 68 22.24 -4.20 -5.20
N PRO B 69 20.88 -4.32 -5.22
CA PRO B 69 19.99 -3.26 -5.68
C PRO B 69 20.33 -1.89 -5.07
N MET B 70 20.64 -1.88 -3.78
CA MET B 70 20.79 -0.65 -2.98
C MET B 70 19.86 0.44 -3.46
N LEU B 71 18.58 0.08 -3.47
CA LEU B 71 17.60 0.94 -4.08
C LEU B 71 17.50 2.28 -3.43
N ARG B 72 17.44 2.35 -2.11
CA ARG B 72 17.30 3.66 -1.48
C ARG B 72 18.48 4.53 -1.85
N ALA B 73 19.68 3.97 -1.81
CA ALA B 73 20.86 4.76 -2.13
C ALA B 73 20.77 5.29 -3.56
N ARG B 74 20.36 4.47 -4.53
CA ARG B 74 20.26 4.90 -5.92
C ARG B 74 19.22 5.99 -6.04
N HIS B 75 18.19 5.93 -5.20
CA HIS B 75 17.10 6.88 -5.33
C HIS B 75 17.38 8.23 -4.68
N LEU B 76 18.50 8.31 -3.95
CA LEU B 76 18.91 9.59 -3.36
C LEU B 76 19.38 10.56 -4.41
N ARG B 77 19.64 10.05 -5.62
CA ARG B 77 20.00 10.87 -6.77
C ARG B 77 18.89 11.80 -7.24
N PHE B 78 17.66 11.57 -6.78
CA PHE B 78 16.50 12.29 -7.26
C PHE B 78 15.69 12.77 -6.12
N GLU B 79 14.94 13.83 -6.37
CA GLU B 79 13.96 14.27 -5.39
C GLU B 79 12.72 13.39 -5.48
N ILE B 80 12.47 12.65 -4.42
CA ILE B 80 11.28 11.80 -4.36
C ILE B 80 10.48 12.29 -3.18
N THR B 81 9.47 13.06 -3.52
CA THR B 81 8.53 13.56 -2.56
C THR B 81 7.42 12.51 -2.43
N PRO B 82 6.59 12.63 -1.38
CA PRO B 82 5.42 11.78 -1.30
C PRO B 82 4.55 11.89 -2.53
N LYS B 83 4.39 13.09 -3.08
CA LYS B 83 3.59 13.26 -4.31
C LYS B 83 4.16 12.39 -5.42
N ARG B 84 5.48 12.37 -5.56
CA ARG B 84 6.09 11.57 -6.61
C ARG B 84 5.95 10.09 -6.33
N ALA B 85 6.08 9.70 -5.06
CA ALA B 85 5.82 8.28 -4.73
C ALA B 85 4.37 7.92 -5.08
N GLU B 86 3.43 8.81 -4.78
CA GLU B 86 2.07 8.55 -5.16
C GLU B 86 1.94 8.44 -6.67
N ALA B 87 2.66 9.29 -7.40
CA ALA B 87 2.54 9.21 -8.87
C ALA B 87 3.07 7.88 -9.39
N TRP B 88 4.20 7.46 -8.83
CA TRP B 88 4.78 6.19 -9.25
C TRP B 88 3.78 5.06 -8.94
N LEU B 89 3.24 5.05 -7.72
CA LEU B 89 2.28 4.01 -7.36
C LEU B 89 1.06 4.07 -8.23
N ALA B 90 0.58 5.27 -8.57
CA ALA B 90 -0.61 5.37 -9.39
C ALA B 90 -0.33 4.82 -10.78
N CYS B 91 0.86 5.10 -11.30
CA CYS B 91 1.23 4.54 -12.60
C CYS B 91 1.28 3.03 -12.48
N MET B 92 1.77 2.53 -11.36
CA MET B 92 1.83 1.07 -11.18
C MET B 92 0.45 0.43 -11.12
N ARG B 93 -0.45 1.04 -10.36
CA ARG B 93 -1.79 0.47 -10.30
C ARG B 93 -2.40 0.50 -11.69
N ALA B 94 -2.23 1.61 -12.41
CA ALA B 94 -2.81 1.69 -13.76
C ALA B 94 -2.22 0.65 -14.67
N ALA B 95 -0.91 0.40 -14.56
CA ALA B 95 -0.28 -0.61 -15.41
C ALA B 95 -0.80 -1.98 -15.05
N MET B 96 -0.95 -2.29 -13.75
CA MET B 96 -1.49 -3.58 -13.32
C MET B 96 -2.89 -3.75 -13.88
N ASP B 97 -3.69 -2.71 -13.78
CA ASP B 97 -5.04 -2.77 -14.30
C ASP B 97 -4.97 -3.00 -15.79
N GLU B 98 -4.08 -2.29 -16.49
CA GLU B 98 -4.05 -2.36 -17.95
C GLU B 98 -3.71 -3.75 -18.43
N ILE B 99 -2.81 -4.43 -17.72
CA ILE B 99 -2.40 -5.74 -18.19
C ILE B 99 -3.35 -6.83 -17.69
N GLY B 100 -4.35 -6.44 -16.90
CA GLY B 100 -5.37 -7.38 -16.46
C GLY B 100 -4.90 -8.20 -15.29
N LEU B 101 -3.96 -7.69 -14.52
CA LEU B 101 -3.49 -8.41 -13.35
C LEU B 101 -4.41 -8.02 -12.21
N SER B 102 -4.95 -9.01 -11.52
CA SER B 102 -5.96 -8.74 -10.50
C SER B 102 -5.82 -9.78 -9.46
N GLY B 103 -6.25 -9.48 -8.25
CA GLY B 103 -6.29 -10.54 -7.25
C GLY B 103 -5.32 -10.43 -6.11
N PRO B 104 -5.34 -11.41 -5.22
CA PRO B 104 -4.64 -11.21 -3.98
C PRO B 104 -3.14 -11.24 -4.16
N ALA B 105 -2.60 -11.98 -5.13
CA ALA B 105 -1.17 -11.93 -5.35
C ALA B 105 -0.82 -10.55 -5.93
N ARG B 106 -1.65 -10.01 -6.83
CA ARG B 106 -1.40 -8.63 -7.27
C ARG B 106 -1.34 -7.73 -6.05
N GLU B 107 -2.31 -7.85 -5.14
CA GLU B 107 -2.35 -6.86 -4.05
C GLU B 107 -1.21 -7.02 -3.09
N GLN B 108 -0.78 -8.27 -2.88
CA GLN B 108 0.39 -8.53 -2.01
C GLN B 108 1.61 -7.87 -2.61
N PHE B 109 1.78 -8.04 -3.92
CA PHE B 109 2.91 -7.44 -4.65
C PHE B 109 2.79 -5.90 -4.55
N TYR B 110 1.60 -5.38 -4.83
CA TYR B 110 1.39 -3.93 -4.78
C TYR B 110 1.74 -3.41 -3.39
N HIS B 111 1.33 -4.12 -2.32
CA HIS B 111 1.64 -3.66 -0.99
C HIS B 111 3.11 -3.65 -0.72
N ARG B 112 3.84 -4.62 -1.27
CA ARG B 112 5.31 -4.54 -1.11
C ARG B 112 5.81 -3.28 -1.77
N LEU B 113 5.31 -2.98 -2.97
CA LEU B 113 5.75 -1.78 -3.68
C LEU B 113 5.37 -0.51 -2.93
N VAL B 114 4.22 -0.48 -2.27
CA VAL B 114 3.84 0.67 -1.42
C VAL B 114 4.92 0.91 -0.37
N LEU B 115 5.36 -0.16 0.28
CA LEU B 115 6.40 -0.07 1.31
C LEU B 115 7.71 0.38 0.71
N THR B 116 8.12 -0.21 -0.40
CA THR B 116 9.41 0.17 -0.99
C THR B 116 9.31 1.62 -1.46
N ALA B 117 8.19 2.03 -2.06
CA ALA B 117 8.06 3.43 -2.51
C ALA B 117 8.16 4.35 -1.33
N HIS B 118 7.53 3.97 -0.21
CA HIS B 118 7.63 4.78 0.97
C HIS B 118 9.10 4.92 1.39
N HIS B 119 9.85 3.82 1.30
CA HIS B 119 11.26 3.81 1.69
C HIS B 119 12.06 4.71 0.77
N MET B 120 11.60 4.92 -0.45
CA MET B 120 12.37 5.73 -1.41
C MET B 120 12.15 7.19 -1.19
N VAL B 121 11.01 7.58 -0.62
CA VAL B 121 10.72 9.00 -0.40
C VAL B 121 11.87 9.62 0.39
N ASN B 122 12.30 10.80 -0.07
CA ASN B 122 13.52 11.37 0.54
C ASN B 122 13.43 12.88 0.65
N THR B 123 12.29 13.48 0.36
CA THR B 123 12.14 14.91 0.42
C THR B 123 10.70 15.24 0.80
N PRO B 124 10.48 16.25 1.66
CA PRO B 124 9.11 16.69 1.93
C PRO B 124 8.39 17.23 0.69
N ASP B 125 7.04 17.12 0.68
CA ASP B 125 6.27 17.66 -0.41
C ASP B 125 6.40 19.16 -0.59
N HIS B 126 6.17 19.60 -1.82
CA HIS B 126 6.07 21.04 -2.13
C HIS B 126 4.68 21.49 -1.97
N LEU B 127 4.52 22.41 -1.02
CA LEU B 127 3.22 22.93 -0.67
C LEU B 127 3.25 24.44 -0.82
N ASP B 128 2.06 25.01 -1.02
CA ASP B 128 1.84 26.45 -1.02
C ASP B 128 1.38 26.92 0.35
O1 OXY C . -7.74 -3.36 13.09
O2 OXY C . -8.88 -3.34 13.43
CHA HEM D . -7.74 -3.33 17.56
CHB HEM D . -6.94 -6.81 14.33
CHC HEM D . -4.57 -3.59 11.60
CHD HEM D . -6.28 -0.03 14.34
C1A HEM D . -7.74 -4.51 16.88
C2A HEM D . -8.34 -5.73 17.40
C3A HEM D . -8.11 -6.69 16.50
C4A HEM D . -7.37 -6.12 15.41
CMA HEM D . -8.58 -8.15 16.60
CAA HEM D . -9.12 -5.86 18.72
CBA HEM D . -10.44 -5.14 18.58
CGA HEM D . -11.13 -4.88 19.91
O1A HEM D . -10.67 -5.37 20.99
O2A HEM D . -12.15 -4.15 19.92
C1B HEM D . -6.19 -6.23 13.35
C2B HEM D . -5.59 -6.95 12.24
C3B HEM D . -4.92 -6.06 11.51
C4B HEM D . -5.06 -4.74 12.09
CMB HEM D . -5.73 -8.45 11.93
CAB HEM D . -4.14 -6.37 10.24
CBB HEM D . -3.03 -5.71 9.89
C1C HEM D . -4.90 -2.32 12.05
C2C HEM D . -4.63 -1.08 11.37
C3C HEM D . -5.11 -0.13 12.16
C4C HEM D . -5.70 -0.73 13.33
CMC HEM D . -3.92 -0.91 9.98
CAC HEM D . -5.17 1.39 11.93
CBC HEM D . -4.58 2.05 10.94
C1D HEM D . -6.80 -0.60 15.46
C2D HEM D . -7.25 0.15 16.60
C3D HEM D . -7.68 -0.87 17.58
C4D HEM D . -7.41 -2.15 16.98
CMD HEM D . -7.33 1.69 16.73
CAD HEM D . -8.26 -0.60 18.96
CBD HEM D . -7.14 -0.70 20.01
CGD HEM D . -7.82 -0.58 21.36
O1D HEM D . -8.39 -1.59 21.88
O2D HEM D . -7.81 0.57 21.87
NA HEM D . -7.15 -4.80 15.66
NB HEM D . -5.82 -4.91 13.21
NC HEM D . -5.56 -2.07 13.22
ND HEM D . -6.91 -1.96 15.72
FE HEM D . -6.35 -3.43 14.47
C ACT E . -9.32 -2.80 13.75
O ACT E . -10.07 -2.79 12.78
OXT ACT E . -8.16 -3.04 13.52
CH3 ACT E . -9.80 -2.51 15.12
O1 OXY F . 11.63 3.21 -10.45
O2 OXY F . 11.34 3.29 -11.55
CHA HEM G . 15.72 3.79 -10.90
CHB HEM G . 12.37 7.11 -9.79
CHC HEM G . 10.33 3.99 -6.74
CHD HEM G . 13.02 0.47 -8.66
C1A HEM G . 14.96 4.93 -10.85
C2A HEM G . 15.26 6.13 -11.60
C3A HEM G . 14.32 7.04 -11.31
C4A HEM G . 13.43 6.43 -10.35
CMA HEM G . 14.23 8.47 -11.86
CAA HEM G . 16.44 6.29 -12.58
CBA HEM G . 16.19 5.50 -13.84
CGA HEM G . 17.47 5.07 -14.54
O1A HEM G . 18.58 5.62 -14.27
O2A HEM G . 17.41 4.16 -15.40
C1B HEM G . 11.60 6.57 -8.82
C2B HEM G . 10.56 7.28 -8.10
C3B HEM G . 10.04 6.40 -7.24
C4B HEM G . 10.65 5.12 -7.40
CMB HEM G . 10.22 8.76 -8.31
CAB HEM G . 8.94 6.75 -6.28
CBB HEM G . 8.88 6.20 -5.09
C1C HEM G . 10.84 2.76 -7.08
C2C HEM G . 10.32 1.50 -6.59
C3C HEM G . 11.07 0.52 -7.15
C4C HEM G . 12.07 1.16 -7.98
CMC HEM G . 9.09 1.34 -5.65
CAC HEM G . 10.93 -0.99 -7.01
CBC HEM G . 10.12 -1.58 -6.14
C1D HEM G . 14.00 1.07 -9.39
C2D HEM G . 15.06 0.32 -9.98
C3D HEM G . 15.90 1.32 -10.67
C4D HEM G . 15.28 2.59 -10.42
CMD HEM G . 15.25 -1.18 -9.90
CAD HEM G . 17.20 1.05 -11.46
CBD HEM G . 18.37 1.15 -10.47
CGD HEM G . 19.64 0.97 -11.24
O1D HEM G . 20.07 1.92 -11.95
O2D HEM G . 20.20 -0.14 -11.15
NA HEM G . 13.85 5.15 -10.09
NB HEM G . 11.63 5.25 -8.38
NC HEM G . 11.88 2.49 -7.93
ND HEM G . 14.16 2.41 -9.66
FE HEM G . 12.88 3.82 -9.00
C ACT H . 11.69 3.09 -11.91
O ACT H . 10.63 2.76 -12.46
OXT ACT H . 11.50 3.55 -10.80
CH3 ACT H . 13.01 2.97 -12.63
#